data_5HNG
#
_entry.id   5HNG
#
_cell.length_a   124.406
_cell.length_b   124.406
_cell.length_c   47.680
_cell.angle_alpha   90.00
_cell.angle_beta   90.00
_cell.angle_gamma   120.00
#
_symmetry.space_group_name_H-M   'P 32 2 1'
#
loop_
_entity.id
_entity.type
_entity.pdbx_description
1 polymer '3-phosphoinositide-dependent protein kinase 1'
2 non-polymer 'SULFATE ION'
3 non-polymer 6-methoxy-2-(1H-pyrazol-5-yl)-1H-benzimidazole
4 water water
#
_entity_poly.entity_id   1
_entity_poly.type   'polypeptide(L)'
_entity_poly.pdbx_seq_one_letter_code
;MDGTAAEPRPGAGSLQHAQPPPQPRKKRPEDFKFGKILGEGSFSTVVLARELATSREYAIKILEKRHIIKENKVPYVTRE
RDVMSRLDHPFFVKLYFTFQDDEKLYFGLSYAKNGELLKYIRKIGSFDETCTRFYTAEIVSALEYLHGKGIIHRDLKPEN
ILLNEDMHIQITDFGTAKVLSPESKQARAN(SEP)FVGTAQYVSPELLTEKSACKSSDLWALGCIIYQLVAGLPPFRAGN
EYLIFQKIIKLEYDFPEKFFPKARDLVEKLLVLDATKRLGCEEMEGYGPLKAHPFFESVTWENLHQQTPPKLT
;
_entity_poly.pdbx_strand_id   A
#
loop_
_chem_comp.id
_chem_comp.type
_chem_comp.name
_chem_comp.formula
62O non-polymer 6-methoxy-2-(1H-pyrazol-5-yl)-1H-benzimidazole 'C11 H10 N4 O'
SO4 non-polymer 'SULFATE ION' 'O4 S -2'
#
# COMPACT_ATOMS: atom_id res chain seq x y z
N PRO A 21 -13.48 16.22 24.70
CA PRO A 21 -12.77 17.41 24.19
C PRO A 21 -13.44 18.02 22.95
N PRO A 22 -13.72 19.34 22.94
CA PRO A 22 -14.39 19.95 21.76
C PRO A 22 -13.49 20.07 20.51
N GLN A 23 -13.84 19.27 19.46
CA GLN A 23 -13.17 19.22 18.15
C GLN A 23 -13.63 20.39 17.25
N PRO A 24 -12.83 20.83 16.23
CA PRO A 24 -13.27 21.96 15.38
C PRO A 24 -14.57 21.69 14.60
N ARG A 25 -15.50 22.70 14.52
CA ARG A 25 -16.81 22.60 13.79
C ARG A 25 -16.57 22.11 12.38
N LYS A 26 -17.36 21.11 11.96
CA LYS A 26 -17.27 20.42 10.67
C LYS A 26 -16.83 21.30 9.48
N LYS A 27 -15.93 20.77 8.65
CA LYS A 27 -15.49 21.50 7.47
C LYS A 27 -16.61 21.43 6.40
N ARG A 28 -16.56 22.33 5.43
CA ARG A 28 -17.57 22.47 4.37
C ARG A 28 -16.82 22.58 3.03
N PRO A 29 -17.44 22.16 1.91
CA PRO A 29 -16.78 22.34 0.60
C PRO A 29 -16.32 23.77 0.35
N GLU A 30 -17.13 24.75 0.81
CA GLU A 30 -16.89 26.18 0.68
C GLU A 30 -15.66 26.69 1.45
N ASP A 31 -15.04 25.85 2.28
CA ASP A 31 -13.85 26.27 3.03
C ASP A 31 -12.56 26.01 2.21
N PHE A 32 -12.73 25.43 1.02
CA PHE A 32 -11.67 24.98 0.16
C PHE A 32 -11.69 25.57 -1.25
N LYS A 33 -10.49 25.63 -1.86
CA LYS A 33 -10.29 25.97 -3.26
C LYS A 33 -9.82 24.60 -3.85
N PHE A 34 -10.79 23.88 -4.48
CA PHE A 34 -10.58 22.58 -5.12
C PHE A 34 -9.83 22.85 -6.38
N GLY A 35 -8.92 21.95 -6.69
CA GLY A 35 -8.07 22.06 -7.87
C GLY A 35 -8.07 20.81 -8.70
N LYS A 36 -6.89 20.42 -9.18
CA LYS A 36 -6.74 19.30 -10.09
C LYS A 36 -7.14 17.99 -9.49
N ILE A 37 -7.62 17.07 -10.34
CA ILE A 37 -7.97 15.71 -9.93
C ILE A 37 -6.60 15.01 -9.85
N LEU A 38 -6.36 14.26 -8.77
CA LEU A 38 -5.13 13.50 -8.56
C LEU A 38 -5.35 12.03 -8.91
N GLY A 39 -6.53 11.51 -8.58
CA GLY A 39 -6.88 10.13 -8.80
C GLY A 39 -8.34 9.89 -9.11
N GLU A 40 -8.63 8.78 -9.80
CA GLU A 40 -9.98 8.40 -10.21
C GLU A 40 -10.24 6.93 -9.99
N GLY A 41 -10.95 6.63 -8.90
CA GLY A 41 -11.41 5.28 -8.61
C GLY A 41 -12.77 5.07 -9.26
N SER A 42 -13.33 3.86 -9.03
CA SER A 42 -14.67 3.49 -9.52
C SER A 42 -15.76 4.13 -8.66
N PHE A 43 -15.51 4.23 -7.32
CA PHE A 43 -16.45 4.79 -6.34
C PHE A 43 -16.07 6.16 -5.85
N SER A 44 -14.80 6.54 -6.07
CA SER A 44 -14.25 7.82 -5.62
C SER A 44 -13.42 8.52 -6.70
N THR A 45 -13.06 9.78 -6.43
CA THR A 45 -12.12 10.64 -7.16
C THR A 45 -11.37 11.45 -6.07
N VAL A 46 -10.05 11.60 -6.19
CA VAL A 46 -9.25 12.38 -5.24
C VAL A 46 -8.88 13.72 -5.88
N VAL A 47 -9.21 14.83 -5.19
CA VAL A 47 -8.99 16.21 -5.67
C VAL A 47 -8.05 16.96 -4.74
N LEU A 48 -7.08 17.69 -5.30
CA LEU A 48 -6.14 18.51 -4.54
C LEU A 48 -6.89 19.75 -4.10
N ALA A 49 -6.96 20.00 -2.79
CA ALA A 49 -7.67 21.16 -2.26
C ALA A 49 -6.85 21.96 -1.29
N ARG A 50 -7.06 23.28 -1.32
CA ARG A 50 -6.38 24.18 -0.41
C ARG A 50 -7.37 24.80 0.56
N GLU A 51 -7.16 24.56 1.88
CA GLU A 51 -7.96 25.13 2.96
C GLU A 51 -7.69 26.65 2.94
N LEU A 52 -8.74 27.46 2.80
CA LEU A 52 -8.55 28.91 2.71
C LEU A 52 -8.04 29.56 3.99
N ALA A 53 -8.69 29.25 5.12
CA ALA A 53 -8.32 29.78 6.42
C ALA A 53 -6.89 29.46 6.83
N THR A 54 -6.37 28.28 6.44
CA THR A 54 -5.06 27.83 6.87
C THR A 54 -4.02 27.68 5.78
N SER A 55 -4.38 27.90 4.48
CA SER A 55 -3.44 27.74 3.35
C SER A 55 -2.93 26.27 3.14
N ARG A 56 -3.52 25.27 3.80
CA ARG A 56 -3.04 23.88 3.74
C ARG A 56 -3.51 23.08 2.53
N GLU A 57 -2.63 22.17 2.04
CA GLU A 57 -2.95 21.32 0.87
C GLU A 57 -3.37 19.93 1.28
N TYR A 58 -4.67 19.60 1.13
CA TYR A 58 -5.13 18.26 1.46
C TYR A 58 -5.47 17.52 0.18
N ALA A 59 -5.43 16.18 0.20
CA ALA A 59 -5.89 15.36 -0.91
C ALA A 59 -7.30 14.97 -0.48
N ILE A 60 -8.34 15.59 -1.03
CA ILE A 60 -9.73 15.31 -0.61
C ILE A 60 -10.31 14.23 -1.49
N LYS A 61 -10.71 13.11 -0.88
CA LYS A 61 -11.35 11.98 -1.56
C LYS A 61 -12.88 12.26 -1.60
N ILE A 62 -13.46 12.36 -2.80
CA ILE A 62 -14.89 12.62 -2.99
C ILE A 62 -15.63 11.36 -3.47
N LEU A 63 -16.55 10.85 -2.63
CA LEU A 63 -17.40 9.67 -2.87
C LEU A 63 -18.89 10.10 -3.03
N GLU A 64 -19.56 9.67 -4.12
CA GLU A 64 -20.98 10.02 -4.33
C GLU A 64 -21.86 8.94 -3.70
N LYS A 65 -22.66 9.34 -2.69
CA LYS A 65 -23.55 8.47 -1.93
C LYS A 65 -24.44 7.58 -2.82
N ARG A 66 -25.25 8.17 -3.72
CA ARG A 66 -26.13 7.37 -4.60
C ARG A 66 -25.42 6.15 -5.16
N HIS A 67 -24.25 6.36 -5.78
CA HIS A 67 -23.45 5.31 -6.38
C HIS A 67 -22.99 4.28 -5.37
N ILE A 68 -22.53 4.73 -4.16
CA ILE A 68 -22.07 3.84 -3.08
C ILE A 68 -23.18 2.90 -2.69
N ILE A 69 -24.40 3.49 -2.42
CA ILE A 69 -25.64 2.78 -2.06
C ILE A 69 -26.02 1.80 -3.15
N LYS A 70 -26.17 2.29 -4.40
CA LYS A 70 -26.52 1.50 -5.57
C LYS A 70 -25.64 0.25 -5.70
N GLU A 71 -24.33 0.46 -5.80
CA GLU A 71 -23.36 -0.62 -5.98
C GLU A 71 -23.05 -1.45 -4.70
N ASN A 72 -23.86 -1.24 -3.63
CA ASN A 72 -23.75 -1.93 -2.34
C ASN A 72 -22.31 -1.96 -1.80
N LYS A 73 -21.73 -0.74 -1.60
CA LYS A 73 -20.36 -0.53 -1.11
C LYS A 73 -20.31 0.27 0.19
N VAL A 74 -21.44 0.37 0.92
CA VAL A 74 -21.48 1.06 2.22
C VAL A 74 -20.49 0.43 3.23
N PRO A 75 -20.47 -0.93 3.44
CA PRO A 75 -19.55 -1.51 4.42
C PRO A 75 -18.09 -1.31 4.02
N TYR A 76 -17.83 -1.14 2.70
CA TYR A 76 -16.50 -0.88 2.15
C TYR A 76 -16.02 0.48 2.60
N VAL A 77 -16.84 1.55 2.35
CA VAL A 77 -16.59 2.94 2.75
C VAL A 77 -16.46 3.06 4.28
N THR A 78 -17.40 2.46 5.04
CA THR A 78 -17.38 2.46 6.50
C THR A 78 -16.01 1.96 6.96
N ARG A 79 -15.67 0.67 6.64
CA ARG A 79 -14.37 0.05 6.95
C ARG A 79 -13.26 1.04 6.69
N GLU A 80 -13.14 1.60 5.43
CA GLU A 80 -12.10 2.58 5.04
C GLU A 80 -11.94 3.70 6.07
N ARG A 81 -13.02 4.49 6.30
CA ARG A 81 -13.08 5.57 7.29
C ARG A 81 -12.62 5.07 8.67
N ASP A 82 -13.13 3.91 9.12
CA ASP A 82 -12.80 3.32 10.41
C ASP A 82 -11.31 2.93 10.57
N VAL A 83 -10.71 2.30 9.53
CA VAL A 83 -9.32 1.83 9.48
C VAL A 83 -8.35 3.04 9.45
N MET A 84 -8.63 4.06 8.63
CA MET A 84 -7.79 5.25 8.53
C MET A 84 -7.79 6.02 9.84
N SER A 85 -8.89 5.95 10.57
CA SER A 85 -9.02 6.57 11.88
C SER A 85 -8.12 5.86 12.89
N ARG A 86 -8.05 4.52 12.78
CA ARG A 86 -7.23 3.68 13.66
C ARG A 86 -5.70 3.85 13.40
N LEU A 87 -5.31 4.33 12.22
CA LEU A 87 -3.88 4.45 11.89
C LEU A 87 -3.23 5.73 12.37
N ASP A 88 -2.06 5.60 13.01
CA ASP A 88 -1.23 6.72 13.48
C ASP A 88 0.24 6.31 13.47
N HIS A 89 0.88 6.47 12.31
CA HIS A 89 2.25 6.09 12.04
C HIS A 89 2.74 6.88 10.79
N PRO A 90 4.03 7.33 10.72
CA PRO A 90 4.45 8.13 9.55
C PRO A 90 4.41 7.45 8.18
N PHE A 91 4.29 6.10 8.06
CA PHE A 91 4.28 5.53 6.71
C PHE A 91 2.89 5.36 6.13
N PHE A 92 1.92 6.01 6.76
CA PHE A 92 0.55 5.91 6.30
C PHE A 92 -0.09 7.25 6.10
N VAL A 93 -0.92 7.35 5.06
CA VAL A 93 -1.68 8.53 4.75
C VAL A 93 -2.59 8.78 5.95
N LYS A 94 -2.63 10.02 6.46
CA LYS A 94 -3.48 10.36 7.62
C LYS A 94 -4.84 10.90 7.19
N LEU A 95 -5.86 10.66 8.02
CA LEU A 95 -7.21 11.18 7.83
C LEU A 95 -7.39 12.34 8.83
N TYR A 96 -7.74 13.51 8.30
CA TYR A 96 -7.86 14.73 9.06
C TYR A 96 -9.30 15.08 9.43
N PHE A 97 -10.19 15.09 8.47
CA PHE A 97 -11.59 15.42 8.72
C PHE A 97 -12.40 14.66 7.73
N THR A 98 -13.71 14.66 7.97
CA THR A 98 -14.73 14.07 7.09
C THR A 98 -15.89 15.00 7.20
N PHE A 99 -16.57 15.23 6.09
CA PHE A 99 -17.76 16.06 6.06
C PHE A 99 -18.62 15.58 4.92
N GLN A 100 -19.88 16.03 4.88
CA GLN A 100 -20.76 15.60 3.80
C GLN A 100 -21.80 16.61 3.45
N ASP A 101 -22.10 16.71 2.16
CA ASP A 101 -23.15 17.59 1.71
C ASP A 101 -24.39 16.71 1.43
N ASP A 102 -25.30 17.15 0.56
CA ASP A 102 -26.51 16.39 0.28
C ASP A 102 -26.29 15.15 -0.59
N GLU A 103 -25.27 15.18 -1.44
CA GLU A 103 -25.00 14.12 -2.42
C GLU A 103 -23.64 13.45 -2.30
N LYS A 104 -22.65 14.08 -1.62
CA LYS A 104 -21.28 13.56 -1.52
C LYS A 104 -20.71 13.38 -0.11
N LEU A 105 -19.70 12.50 -0.01
CA LEU A 105 -18.87 12.25 1.19
C LEU A 105 -17.47 12.78 0.89
N TYR A 106 -16.90 13.55 1.81
CA TYR A 106 -15.53 14.08 1.64
C TYR A 106 -14.59 13.52 2.69
N PHE A 107 -13.39 13.04 2.31
CA PHE A 107 -12.39 12.60 3.30
C PHE A 107 -11.15 13.45 3.13
N GLY A 108 -10.78 14.17 4.18
CA GLY A 108 -9.59 15.01 4.16
C GLY A 108 -8.32 14.23 4.42
N LEU A 109 -7.54 13.97 3.36
CA LEU A 109 -6.32 13.17 3.44
C LEU A 109 -5.05 13.95 3.31
N SER A 110 -3.93 13.37 3.76
CA SER A 110 -2.61 13.95 3.65
C SER A 110 -2.20 13.90 2.18
N TYR A 111 -1.70 15.00 1.63
CA TYR A 111 -1.30 15.07 0.22
C TYR A 111 0.20 14.74 0.02
N ALA A 112 0.49 13.54 -0.53
CA ALA A 112 1.84 13.08 -0.89
C ALA A 112 2.24 13.87 -2.16
N LYS A 113 3.16 14.86 -2.01
CA LYS A 113 3.59 15.75 -3.10
C LYS A 113 4.20 15.01 -4.31
N ASN A 114 5.02 13.96 -4.08
CA ASN A 114 5.70 13.24 -5.14
C ASN A 114 4.92 12.04 -5.75
N GLY A 115 3.64 11.88 -5.46
CA GLY A 115 2.81 10.84 -6.08
C GLY A 115 3.18 9.38 -5.89
N GLU A 116 2.81 8.50 -6.81
CA GLU A 116 3.06 7.04 -6.73
C GLU A 116 4.53 6.61 -6.89
N LEU A 117 4.86 5.45 -6.30
CA LEU A 117 6.19 4.82 -6.34
C LEU A 117 6.46 4.28 -7.74
N LEU A 118 5.37 3.76 -8.37
CA LEU A 118 5.38 3.24 -9.73
C LEU A 118 5.97 4.30 -10.68
N LYS A 119 5.68 5.60 -10.42
CA LYS A 119 6.23 6.71 -11.18
C LYS A 119 7.77 6.63 -11.12
N TYR A 120 8.32 6.44 -9.91
CA TYR A 120 9.78 6.37 -9.76
C TYR A 120 10.36 5.10 -10.37
N ILE A 121 9.64 3.94 -10.26
CA ILE A 121 10.07 2.67 -10.86
C ILE A 121 10.19 2.88 -12.39
N ARG A 122 9.07 3.27 -13.04
CA ARG A 122 8.99 3.53 -14.49
C ARG A 122 9.97 4.63 -14.99
N LYS A 123 10.18 5.70 -14.19
CA LYS A 123 11.04 6.84 -14.53
C LYS A 123 12.55 6.55 -14.51
N ILE A 124 13.02 5.71 -13.56
CA ILE A 124 14.45 5.40 -13.42
C ILE A 124 14.78 4.01 -13.97
N GLY A 125 13.74 3.23 -14.27
CA GLY A 125 13.88 1.88 -14.80
C GLY A 125 13.71 0.83 -13.72
N SER A 126 14.71 0.74 -12.84
CA SER A 126 14.78 -0.18 -11.72
C SER A 126 15.75 0.39 -10.67
N PHE A 127 15.54 0.03 -9.40
CA PHE A 127 16.31 0.54 -8.26
C PHE A 127 17.64 -0.18 -8.00
N ASP A 128 18.60 0.57 -7.41
CA ASP A 128 19.92 0.09 -7.01
C ASP A 128 19.78 -0.57 -5.63
N GLU A 129 20.80 -1.35 -5.21
CA GLU A 129 20.83 -2.06 -3.92
C GLU A 129 20.52 -1.15 -2.72
N THR A 130 21.08 0.08 -2.66
CA THR A 130 20.80 1.01 -1.56
C THR A 130 19.32 1.41 -1.51
N CYS A 131 18.75 1.82 -2.68
CA CYS A 131 17.37 2.28 -2.80
C CYS A 131 16.34 1.20 -2.51
N THR A 132 16.57 -0.01 -3.09
CA THR A 132 15.72 -1.17 -2.91
C THR A 132 15.70 -1.54 -1.42
N ARG A 133 16.87 -1.51 -0.76
CA ARG A 133 16.97 -1.82 0.66
C ARG A 133 16.16 -0.80 1.50
N PHE A 134 16.38 0.50 1.27
CA PHE A 134 15.71 1.55 2.04
C PHE A 134 14.20 1.50 1.88
N TYR A 135 13.67 1.46 0.63
CA TYR A 135 12.22 1.45 0.45
C TYR A 135 11.61 0.14 0.89
N THR A 136 12.28 -1.02 0.67
CA THR A 136 11.81 -2.31 1.16
C THR A 136 11.64 -2.27 2.72
N ALA A 137 12.66 -1.76 3.42
CA ALA A 137 12.67 -1.62 4.87
C ALA A 137 11.50 -0.75 5.35
N GLU A 138 11.21 0.36 4.65
CA GLU A 138 10.12 1.26 4.97
C GLU A 138 8.80 0.52 4.86
N ILE A 139 8.64 -0.31 3.79
CA ILE A 139 7.43 -1.09 3.56
C ILE A 139 7.32 -2.16 4.64
N VAL A 140 8.42 -2.83 5.01
CA VAL A 140 8.39 -3.84 6.09
C VAL A 140 7.99 -3.20 7.44
N SER A 141 8.65 -2.08 7.79
CA SER A 141 8.36 -1.32 9.00
C SER A 141 6.86 -0.91 9.09
N ALA A 142 6.26 -0.57 7.91
CA ALA A 142 4.87 -0.16 7.77
C ALA A 142 3.94 -1.35 7.97
N LEU A 143 4.23 -2.51 7.31
CA LEU A 143 3.43 -3.73 7.44
C LEU A 143 3.51 -4.31 8.84
N GLU A 144 4.69 -4.22 9.51
CA GLU A 144 4.84 -4.70 10.89
C GLU A 144 3.84 -3.99 11.78
N TYR A 145 3.62 -2.69 11.53
CA TYR A 145 2.70 -1.82 12.26
C TYR A 145 1.27 -2.21 12.02
N LEU A 146 0.88 -2.17 10.75
CA LEU A 146 -0.45 -2.47 10.26
C LEU A 146 -0.90 -3.82 10.79
N HIS A 147 -0.02 -4.83 10.66
CA HIS A 147 -0.26 -6.18 11.14
C HIS A 147 -0.30 -6.25 12.66
N GLY A 148 0.46 -5.38 13.32
CA GLY A 148 0.42 -5.25 14.77
C GLY A 148 -0.96 -4.88 15.24
N LYS A 149 -1.66 -4.04 14.45
CA LYS A 149 -3.01 -3.56 14.70
C LYS A 149 -4.07 -4.52 14.15
N GLY A 150 -3.63 -5.70 13.68
CA GLY A 150 -4.50 -6.73 13.11
C GLY A 150 -5.33 -6.24 11.95
N ILE A 151 -4.69 -5.50 11.05
CA ILE A 151 -5.32 -4.95 9.85
C ILE A 151 -4.56 -5.53 8.66
N ILE A 152 -5.28 -5.85 7.60
CA ILE A 152 -4.67 -6.43 6.41
C ILE A 152 -5.01 -5.54 5.19
N HIS A 153 -3.99 -5.08 4.44
CA HIS A 153 -4.19 -4.18 3.29
C HIS A 153 -5.04 -4.81 2.19
N ARG A 154 -4.72 -6.08 1.81
CA ARG A 154 -5.43 -6.89 0.81
C ARG A 154 -5.27 -6.43 -0.67
N ASP A 155 -4.53 -5.33 -0.89
CA ASP A 155 -4.27 -4.82 -2.24
C ASP A 155 -3.02 -3.93 -2.20
N LEU A 156 -1.90 -4.47 -1.79
CA LEU A 156 -0.68 -3.69 -1.69
C LEU A 156 0.08 -3.67 -3.04
N LYS A 157 0.18 -2.49 -3.67
CA LYS A 157 0.86 -2.36 -4.98
C LYS A 157 1.59 -1.03 -5.10
N PRO A 158 2.57 -0.86 -6.02
CA PRO A 158 3.28 0.43 -6.12
C PRO A 158 2.41 1.67 -6.45
N GLU A 159 1.18 1.44 -6.94
CA GLU A 159 0.13 2.42 -7.21
C GLU A 159 -0.43 2.92 -5.83
N ASN A 160 -0.45 2.06 -4.80
CA ASN A 160 -0.90 2.38 -3.43
C ASN A 160 0.21 2.89 -2.47
N ILE A 161 1.50 2.69 -2.83
CA ILE A 161 2.61 3.18 -2.03
C ILE A 161 3.01 4.55 -2.64
N LEU A 162 2.69 5.65 -1.92
CA LEU A 162 2.99 7.01 -2.39
C LEU A 162 4.22 7.55 -1.76
N LEU A 163 4.77 8.62 -2.34
CA LEU A 163 5.96 9.29 -1.83
C LEU A 163 5.66 10.73 -1.40
N ASN A 164 5.99 11.06 -0.14
CA ASN A 164 5.74 12.40 0.37
C ASN A 164 6.84 13.34 -0.12
N GLU A 165 6.77 14.64 0.25
CA GLU A 165 7.75 15.70 -0.07
C GLU A 165 9.19 15.22 0.24
N ASP A 166 9.39 14.62 1.44
CA ASP A 166 10.64 14.08 1.97
C ASP A 166 11.17 12.87 1.23
N MET A 167 10.33 12.24 0.39
CA MET A 167 10.65 11.02 -0.35
C MET A 167 10.53 9.74 0.52
N HIS A 168 9.76 9.85 1.64
CA HIS A 168 9.44 8.73 2.52
C HIS A 168 8.09 8.17 2.02
N ILE A 169 7.83 6.87 2.20
CA ILE A 169 6.58 6.26 1.76
C ILE A 169 5.37 6.74 2.59
N GLN A 170 4.17 6.62 1.99
CA GLN A 170 2.87 6.89 2.57
C GLN A 170 1.93 5.94 1.88
N ILE A 171 1.51 4.89 2.61
CA ILE A 171 0.61 3.84 2.09
C ILE A 171 -0.82 4.32 2.15
N THR A 172 -1.58 4.09 1.06
CA THR A 172 -2.98 4.56 0.95
C THR A 172 -3.93 3.41 0.46
N ASP A 173 -5.20 3.76 0.12
CA ASP A 173 -6.30 2.93 -0.39
C ASP A 173 -6.71 1.79 0.58
N PHE A 174 -7.37 2.19 1.68
CA PHE A 174 -7.80 1.26 2.74
C PHE A 174 -9.25 0.74 2.54
N GLY A 175 -9.82 1.02 1.36
CA GLY A 175 -11.17 0.61 0.98
C GLY A 175 -11.37 -0.89 1.13
N THR A 176 -10.36 -1.64 0.67
CA THR A 176 -10.33 -3.09 0.69
C THR A 176 -9.69 -3.70 1.97
N ALA A 177 -9.08 -2.86 2.87
CA ALA A 177 -8.49 -3.31 4.13
C ALA A 177 -9.49 -4.13 4.96
N LYS A 178 -8.98 -5.13 5.69
CA LYS A 178 -9.80 -6.00 6.52
C LYS A 178 -9.23 -6.01 7.90
N VAL A 179 -10.12 -5.84 8.90
CA VAL A 179 -9.75 -5.90 10.30
C VAL A 179 -10.09 -7.31 10.76
N LEU A 180 -9.07 -8.07 11.20
CA LEU A 180 -9.26 -9.45 11.69
C LEU A 180 -9.91 -9.50 13.06
N SER A 181 -10.81 -10.49 13.24
CA SER A 181 -11.57 -10.68 14.48
C SER A 181 -10.89 -11.68 15.49
N PRO A 182 -10.83 -13.03 15.27
CA PRO A 182 -10.18 -13.89 16.30
C PRO A 182 -8.66 -13.98 16.15
N SEP A 191 -13.42 -13.46 0.26
CA SEP A 191 -14.10 -12.19 0.00
CB SEP A 191 -14.08 -11.29 1.30
OG SEP A 191 -14.70 -9.99 0.98
C SEP A 191 -13.53 -11.51 -1.28
O SEP A 191 -13.58 -12.10 -2.37
P SEP A 191 -14.90 -8.93 2.09
O1P SEP A 191 -13.98 -9.00 3.31
O2P SEP A 191 -16.36 -9.14 2.55
O3P SEP A 191 -14.76 -7.54 1.48
N PHE A 192 -13.01 -10.28 -1.14
CA PHE A 192 -12.44 -9.43 -2.18
C PHE A 192 -11.11 -9.98 -2.72
N VAL A 193 -10.90 -9.85 -4.05
CA VAL A 193 -9.67 -10.25 -4.75
C VAL A 193 -9.03 -8.97 -5.35
N GLY A 194 -7.81 -8.62 -4.95
CA GLY A 194 -7.07 -7.43 -5.40
C GLY A 194 -6.58 -7.40 -6.84
N THR A 195 -5.49 -6.64 -7.11
CA THR A 195 -4.86 -6.51 -8.44
C THR A 195 -4.22 -7.85 -8.81
N ALA A 196 -4.50 -8.32 -10.04
CA ALA A 196 -4.08 -9.61 -10.54
C ALA A 196 -2.61 -9.96 -10.33
N GLN A 197 -1.67 -9.06 -10.65
CA GLN A 197 -0.23 -9.29 -10.54
C GLN A 197 0.30 -9.58 -9.13
N TYR A 198 -0.41 -9.15 -8.10
CA TYR A 198 -0.01 -9.27 -6.70
C TYR A 198 -0.85 -10.30 -5.90
N VAL A 199 -1.86 -10.89 -6.55
CA VAL A 199 -2.70 -11.90 -5.91
C VAL A 199 -1.87 -13.13 -5.50
N SER A 200 -2.01 -13.54 -4.22
CA SER A 200 -1.33 -14.71 -3.65
C SER A 200 -2.08 -15.95 -4.07
N PRO A 201 -1.38 -17.09 -4.18
CA PRO A 201 -2.03 -18.33 -4.64
C PRO A 201 -3.28 -18.76 -3.89
N GLU A 202 -3.25 -18.74 -2.53
CA GLU A 202 -4.35 -19.13 -1.63
C GLU A 202 -5.67 -18.40 -1.90
N LEU A 203 -5.57 -17.17 -2.43
CA LEU A 203 -6.70 -16.34 -2.78
C LEU A 203 -7.42 -16.90 -4.00
N LEU A 204 -6.68 -17.63 -4.83
CA LEU A 204 -7.22 -18.28 -6.02
C LEU A 204 -7.69 -19.69 -5.68
N THR A 205 -7.32 -20.23 -4.51
CA THR A 205 -7.65 -21.63 -4.17
C THR A 205 -8.68 -21.81 -3.03
N GLU A 206 -8.93 -20.79 -2.20
CA GLU A 206 -9.87 -20.92 -1.08
C GLU A 206 -10.73 -19.68 -0.89
N LYS A 207 -10.36 -18.55 -1.60
CA LYS A 207 -10.98 -17.22 -1.50
C LYS A 207 -10.90 -16.78 -0.01
N SER A 208 -9.65 -16.68 0.48
CA SER A 208 -9.30 -16.37 1.87
C SER A 208 -7.94 -15.64 2.00
N ALA A 209 -7.93 -14.48 2.69
CA ALA A 209 -6.72 -13.66 2.90
C ALA A 209 -6.36 -13.47 4.38
N CYS A 210 -5.05 -13.32 4.64
CA CYS A 210 -4.50 -13.13 5.97
C CYS A 210 -3.28 -12.21 5.84
N LYS A 211 -2.49 -12.07 6.92
CA LYS A 211 -1.28 -11.24 6.98
C LYS A 211 -0.31 -11.64 5.86
N SER A 212 -0.32 -12.94 5.52
CA SER A 212 0.51 -13.56 4.50
C SER A 212 0.21 -13.11 3.08
N SER A 213 -0.98 -12.50 2.83
CA SER A 213 -1.36 -11.97 1.51
C SER A 213 -0.47 -10.74 1.26
N ASP A 214 -0.43 -9.83 2.26
CA ASP A 214 0.43 -8.66 2.28
C ASP A 214 1.94 -9.04 2.12
N LEU A 215 2.41 -10.19 2.69
CA LEU A 215 3.80 -10.61 2.55
C LEU A 215 4.12 -11.13 1.14
N TRP A 216 3.16 -11.81 0.49
CA TRP A 216 3.31 -12.25 -0.89
C TRP A 216 3.44 -10.98 -1.74
N ALA A 217 2.53 -9.98 -1.54
CA ALA A 217 2.53 -8.69 -2.25
C ALA A 217 3.89 -7.97 -2.15
N LEU A 218 4.51 -7.99 -0.96
CA LEU A 218 5.83 -7.44 -0.66
C LEU A 218 6.90 -8.13 -1.51
N GLY A 219 6.77 -9.46 -1.66
CA GLY A 219 7.65 -10.31 -2.48
C GLY A 219 7.67 -9.84 -3.91
N CYS A 220 6.48 -9.47 -4.45
CA CYS A 220 6.30 -8.95 -5.80
C CYS A 220 6.94 -7.58 -5.92
N ILE A 221 6.62 -6.66 -4.97
CA ILE A 221 7.13 -5.29 -4.96
C ILE A 221 8.64 -5.28 -5.00
N ILE A 222 9.29 -6.16 -4.19
CA ILE A 222 10.76 -6.24 -4.16
C ILE A 222 11.28 -6.65 -5.53
N TYR A 223 10.69 -7.73 -6.14
CA TYR A 223 11.03 -8.20 -7.48
C TYR A 223 10.89 -7.04 -8.46
N GLN A 224 9.79 -6.25 -8.34
CA GLN A 224 9.51 -5.06 -9.16
C GLN A 224 10.53 -3.92 -8.98
N LEU A 225 11.03 -3.70 -7.74
CA LEU A 225 12.01 -2.66 -7.49
C LEU A 225 13.34 -2.97 -8.18
N VAL A 226 13.83 -4.23 -8.07
CA VAL A 226 15.12 -4.65 -8.63
C VAL A 226 15.09 -4.81 -10.16
N ALA A 227 14.06 -5.51 -10.69
CA ALA A 227 13.95 -5.85 -12.10
C ALA A 227 13.08 -4.87 -12.96
N GLY A 228 12.51 -3.85 -12.34
CA GLY A 228 11.68 -2.87 -13.05
C GLY A 228 10.30 -3.35 -13.52
N LEU A 229 9.98 -4.65 -13.31
CA LEU A 229 8.70 -5.25 -13.71
C LEU A 229 8.13 -6.20 -12.62
N PRO A 230 6.78 -6.44 -12.54
CA PRO A 230 6.26 -7.44 -11.58
C PRO A 230 6.71 -8.86 -11.98
N PRO A 231 6.67 -9.85 -11.07
CA PRO A 231 7.17 -11.19 -11.44
C PRO A 231 6.30 -11.96 -12.43
N PHE A 232 4.99 -12.00 -12.17
CA PHE A 232 4.06 -12.76 -13.00
C PHE A 232 3.43 -11.84 -14.01
N ARG A 233 3.74 -12.08 -15.30
CA ARG A 233 3.21 -11.23 -16.36
C ARG A 233 2.71 -12.08 -17.52
N ALA A 234 1.48 -11.77 -18.02
CA ALA A 234 0.85 -12.49 -19.14
C ALA A 234 -0.25 -11.67 -19.83
N GLY A 235 -0.63 -12.11 -21.03
CA GLY A 235 -1.63 -11.46 -21.88
C GLY A 235 -2.98 -11.07 -21.30
N ASN A 236 -3.44 -11.78 -20.23
CA ASN A 236 -4.73 -11.54 -19.60
C ASN A 236 -4.78 -12.09 -18.19
N GLU A 237 -5.79 -11.65 -17.41
CA GLU A 237 -6.04 -12.04 -16.01
C GLU A 237 -5.97 -13.56 -15.83
N TYR A 238 -6.56 -14.33 -16.77
CA TYR A 238 -6.52 -15.78 -16.64
C TYR A 238 -5.10 -16.35 -16.64
N LEU A 239 -4.25 -15.96 -17.60
CA LEU A 239 -2.87 -16.48 -17.71
C LEU A 239 -1.97 -16.07 -16.52
N ILE A 240 -2.26 -14.89 -15.93
CA ILE A 240 -1.57 -14.34 -14.78
C ILE A 240 -1.82 -15.28 -13.58
N PHE A 241 -3.10 -15.60 -13.34
CA PHE A 241 -3.52 -16.48 -12.25
C PHE A 241 -2.94 -17.87 -12.38
N GLN A 242 -2.87 -18.35 -13.62
CA GLN A 242 -2.30 -19.62 -14.01
C GLN A 242 -0.81 -19.62 -13.65
N LYS A 243 -0.10 -18.49 -13.90
CA LYS A 243 1.32 -18.36 -13.59
C LYS A 243 1.55 -18.37 -12.08
N ILE A 244 0.77 -17.55 -11.33
CA ILE A 244 0.83 -17.46 -9.87
C ILE A 244 0.74 -18.84 -9.19
N ILE A 245 -0.31 -19.64 -9.51
CA ILE A 245 -0.52 -20.94 -8.88
C ILE A 245 0.57 -21.95 -9.20
N LYS A 246 1.12 -21.90 -10.43
CA LYS A 246 2.19 -22.78 -10.90
C LYS A 246 3.55 -22.31 -10.34
N LEU A 247 3.60 -21.02 -9.89
CA LEU A 247 4.77 -20.28 -9.41
C LEU A 247 5.79 -20.17 -10.55
N GLU A 248 5.29 -19.74 -11.72
CA GLU A 248 6.01 -19.57 -12.97
C GLU A 248 6.59 -18.15 -13.07
N TYR A 249 7.84 -17.96 -12.60
CA TYR A 249 8.59 -16.69 -12.66
C TYR A 249 10.10 -16.96 -12.49
N ASP A 250 10.95 -16.07 -13.03
CA ASP A 250 12.39 -16.25 -12.89
C ASP A 250 13.16 -14.93 -12.87
N PHE A 251 14.13 -14.87 -11.96
CA PHE A 251 15.02 -13.75 -11.67
C PHE A 251 15.96 -13.44 -12.83
N PRO A 252 16.07 -12.19 -13.19
CA PRO A 252 17.03 -11.80 -14.19
C PRO A 252 18.38 -12.06 -13.60
N GLU A 253 19.40 -12.21 -14.42
CA GLU A 253 20.73 -12.44 -13.89
C GLU A 253 21.21 -11.22 -13.16
N LYS A 254 20.78 -10.06 -13.61
CA LYS A 254 21.16 -8.82 -12.96
C LYS A 254 20.22 -8.56 -11.79
N PHE A 255 20.28 -9.42 -10.78
CA PHE A 255 19.45 -9.31 -9.57
C PHE A 255 20.35 -9.54 -8.41
N PHE A 256 20.26 -8.70 -7.39
CA PHE A 256 21.11 -8.85 -6.26
C PHE A 256 20.85 -10.17 -5.64
N PRO A 257 21.88 -10.89 -5.31
CA PRO A 257 21.78 -12.22 -4.67
C PRO A 257 21.02 -12.28 -3.34
N LYS A 258 21.31 -11.32 -2.42
CA LYS A 258 20.69 -11.26 -1.11
C LYS A 258 19.18 -10.94 -1.23
N ALA A 259 18.82 -10.07 -2.21
CA ALA A 259 17.43 -9.70 -2.49
C ALA A 259 16.72 -10.89 -3.09
N ARG A 260 17.40 -11.65 -3.97
CA ARG A 260 16.86 -12.86 -4.60
C ARG A 260 16.43 -13.89 -3.54
N ASP A 261 17.31 -14.13 -2.55
CA ASP A 261 17.01 -15.05 -1.44
C ASP A 261 15.76 -14.59 -0.71
N LEU A 262 15.68 -13.28 -0.36
CA LEU A 262 14.54 -12.69 0.33
C LEU A 262 13.22 -12.90 -0.41
N VAL A 263 13.25 -12.68 -1.74
CA VAL A 263 12.10 -12.81 -2.63
C VAL A 263 11.62 -14.25 -2.69
N GLU A 264 12.55 -15.21 -2.58
CA GLU A 264 12.24 -16.64 -2.60
C GLU A 264 11.62 -17.14 -1.29
N LYS A 265 11.89 -16.42 -0.17
CA LYS A 265 11.38 -16.74 1.18
C LYS A 265 9.98 -16.12 1.36
N LEU A 266 9.56 -15.26 0.39
CA LEU A 266 8.28 -14.56 0.36
C LEU A 266 7.35 -15.10 -0.71
N LEU A 267 7.85 -15.42 -1.91
CA LEU A 267 7.00 -15.99 -2.98
C LEU A 267 6.97 -17.53 -2.91
N VAL A 268 6.37 -18.00 -1.81
CA VAL A 268 6.23 -19.39 -1.39
C VAL A 268 4.74 -19.71 -1.45
N LEU A 269 4.38 -20.83 -2.12
CA LEU A 269 2.98 -21.23 -2.31
C LEU A 269 2.30 -21.55 -0.99
N ASP A 270 3.01 -22.29 -0.09
CA ASP A 270 2.53 -22.60 1.25
C ASP A 270 2.47 -21.29 2.06
N ALA A 271 1.26 -20.75 2.24
CA ALA A 271 1.04 -19.49 2.96
C ALA A 271 1.63 -19.44 4.36
N THR A 272 1.81 -20.62 5.01
CA THR A 272 2.31 -20.72 6.38
C THR A 272 3.85 -20.78 6.46
N LYS A 273 4.53 -20.71 5.29
CA LYS A 273 5.99 -20.78 5.21
C LYS A 273 6.62 -19.46 4.66
N ARG A 274 5.83 -18.39 4.64
CA ARG A 274 6.31 -17.09 4.19
C ARG A 274 7.04 -16.37 5.32
N LEU A 275 8.30 -15.97 5.07
CA LEU A 275 9.16 -15.26 6.03
C LEU A 275 8.41 -13.96 6.45
N GLY A 276 8.07 -13.84 7.72
CA GLY A 276 7.31 -12.71 8.22
C GLY A 276 5.99 -13.06 8.89
N CYS A 277 5.45 -14.26 8.61
CA CYS A 277 4.18 -14.68 9.21
C CYS A 277 4.35 -15.33 10.60
N GLU A 278 3.25 -15.47 11.39
CA GLU A 278 3.24 -16.06 12.75
C GLU A 278 3.83 -17.50 12.83
N GLU A 279 3.55 -18.33 11.81
CA GLU A 279 4.05 -19.71 11.74
C GLU A 279 5.58 -19.73 11.64
N MET A 280 6.14 -18.73 10.95
CA MET A 280 7.56 -18.45 10.74
C MET A 280 8.12 -17.54 11.87
N GLU A 281 7.30 -17.28 12.92
CA GLU A 281 7.58 -16.52 14.15
C GLU A 281 7.63 -14.99 13.94
N GLY A 282 6.79 -14.52 13.03
CA GLY A 282 6.58 -13.11 12.73
C GLY A 282 7.69 -12.31 12.08
N TYR A 283 7.68 -10.99 12.36
CA TYR A 283 8.58 -9.98 11.80
C TYR A 283 10.07 -10.03 12.26
N GLY A 284 10.36 -10.71 13.38
CA GLY A 284 11.72 -10.88 13.88
C GLY A 284 12.66 -11.44 12.82
N PRO A 285 12.46 -12.69 12.39
CA PRO A 285 13.30 -13.27 11.34
C PRO A 285 13.29 -12.55 9.98
N LEU A 286 12.21 -11.82 9.65
CA LEU A 286 12.11 -11.07 8.39
C LEU A 286 13.07 -9.89 8.47
N LYS A 287 12.92 -9.02 9.50
CA LYS A 287 13.79 -7.89 9.70
C LYS A 287 15.25 -8.35 9.88
N ALA A 288 15.44 -9.57 10.37
CA ALA A 288 16.74 -10.17 10.64
C ALA A 288 17.47 -10.73 9.38
N HIS A 289 16.80 -10.72 8.20
CA HIS A 289 17.34 -11.27 6.95
C HIS A 289 18.61 -10.57 6.47
N PRO A 290 19.62 -11.33 5.96
CA PRO A 290 20.85 -10.69 5.43
C PRO A 290 20.67 -9.50 4.49
N PHE A 291 19.62 -9.46 3.69
CA PHE A 291 19.38 -8.32 2.80
C PHE A 291 19.17 -6.97 3.57
N PHE A 292 18.94 -7.03 4.89
CA PHE A 292 18.75 -5.84 5.73
C PHE A 292 19.85 -5.71 6.79
N GLU A 293 21.03 -6.31 6.52
CA GLU A 293 22.20 -6.36 7.43
C GLU A 293 22.52 -5.02 8.11
N SER A 294 22.50 -3.94 7.30
CA SER A 294 22.83 -2.56 7.60
C SER A 294 21.64 -1.68 8.02
N VAL A 295 20.39 -2.12 7.78
CA VAL A 295 19.20 -1.33 8.12
C VAL A 295 19.07 -1.14 9.62
N THR A 296 18.81 0.12 10.05
CA THR A 296 18.52 0.51 11.44
C THR A 296 17.01 0.83 11.50
N TRP A 297 16.24 -0.21 11.85
CA TRP A 297 14.77 -0.27 11.87
C TRP A 297 14.08 0.74 12.75
N GLU A 298 14.68 0.97 13.90
CA GLU A 298 14.25 1.82 15.00
C GLU A 298 14.00 3.32 14.64
N ASN A 299 14.55 3.86 13.50
CA ASN A 299 14.39 5.28 13.15
C ASN A 299 14.39 5.62 11.64
N LEU A 300 13.85 4.74 10.77
CA LEU A 300 13.81 4.98 9.32
C LEU A 300 13.22 6.31 8.91
N HIS A 301 12.12 6.72 9.56
CA HIS A 301 11.44 7.98 9.25
C HIS A 301 12.34 9.23 9.45
N GLN A 302 13.29 9.15 10.37
CA GLN A 302 14.25 10.19 10.69
C GLN A 302 15.45 10.15 9.72
N GLN A 303 15.65 9.01 9.02
CA GLN A 303 16.76 8.83 8.06
C GLN A 303 16.55 9.62 6.79
N THR A 304 17.65 10.04 6.13
CA THR A 304 17.57 10.83 4.89
C THR A 304 17.51 9.84 3.74
N PRO A 305 16.39 9.80 2.98
CA PRO A 305 16.27 8.80 1.91
C PRO A 305 17.33 8.94 0.82
N PRO A 306 17.84 7.79 0.30
CA PRO A 306 18.82 7.86 -0.80
C PRO A 306 18.25 8.51 -2.07
N LYS A 307 19.15 9.16 -2.85
CA LYS A 307 18.82 9.81 -4.11
C LYS A 307 18.45 8.74 -5.15
N LEU A 308 17.24 8.85 -5.73
CA LEU A 308 16.74 7.90 -6.71
C LEU A 308 17.46 8.01 -8.05
N THR A 309 18.60 7.26 -8.11
CA THR A 309 19.60 7.10 -9.16
C THR A 309 19.89 8.45 -9.88
S SO4 B . 1.42 22.01 8.71
O1 SO4 B . 2.84 21.76 8.43
O2 SO4 B . 0.82 20.84 9.37
O3 SO4 B . 0.76 22.26 7.43
O4 SO4 B . 1.28 23.17 9.60
S SO4 C . -19.61 12.95 8.48
O1 SO4 C . -18.34 12.64 9.12
O2 SO4 C . -20.52 11.82 8.69
O3 SO4 C . -19.39 13.15 7.04
O4 SO4 C . -20.15 14.18 9.08
C1 62O D . -0.44 12.81 -5.50
C2 62O D . -1.22 11.87 -6.20
C7 62O D . -1.78 11.78 -4.10
C8 62O D . 0.66 13.45 -7.55
C9 62O D . -0.12 12.50 -8.25
C10 62O D . -2.45 11.41 -2.84
C12 62O D . -3.55 10.53 -2.71
C14 62O D . 2.93 13.90 -8.27
C15 62O D . -3.87 10.45 -1.40
N3 62O D . -0.82 12.73 -4.18
C4 62O D . 0.49 13.59 -6.18
N5 62O D . -2.03 11.27 -5.29
C6 62O D . -1.04 11.72 -7.59
O11 62O D . 1.54 14.26 -8.20
N13 62O D . -2.12 11.84 -1.65
N16 62O D . -2.99 11.24 -0.73
#